data_3RR6
#
_entry.id   3RR6
#
_cell.length_a   55.140
_cell.length_b   94.951
_cell.length_c   173.408
_cell.angle_alpha   90.000
_cell.angle_beta   90.000
_cell.angle_gamma   90.000
#
_symmetry.space_group_name_H-M   'I 21 21 21'
#
loop_
_entity.id
_entity.type
_entity.pdbx_description
1 polymer 'Putative uncharacterized protein'
2 non-polymer 1,2-ETHANEDIOL
3 non-polymer DI(HYDROXYETHYL)ETHER
4 non-polymer 'UNKNOWN ATOM OR ION'
5 water water
#
_entity_poly.entity_id   1
_entity_poly.type   'polypeptide(L)'
_entity_poly.pdbx_seq_one_letter_code
;GPGSMRLGRIASPDGVAFVSIEGEDGREESAIAREIAEHPFGTPTFTGRQWPLADVRLLAPILASKVVAMGKNYAAHAAE
MGGDPPESPVIFIKPNTSIIGPGLPIQLPPSATEVHHEGELAIVIGRPCKDVPAARAAENILGYTIGNDVSARDHQRADG
QWTRAKGHDTFCPLGPWIVTDLDPADLEIRTEVNGQVRQRSRTSLLLHDVGAIVEWVSAVMTLLPGDVILTGTPEGVGPI
VDGDTVSVTIEGIGTLSNPVVRKAK
;
_entity_poly.pdbx_strand_id   A
#
loop_
_chem_comp.id
_chem_comp.type
_chem_comp.name
_chem_comp.formula
EDO non-polymer 1,2-ETHANEDIOL 'C2 H6 O2'
PEG non-polymer DI(HYDROXYETHYL)ETHER 'C4 H10 O3'
UNX non-polymer 'UNKNOWN ATOM OR ION' ?
#
# COMPACT_ATOMS: atom_id res chain seq x y z
N MET A 5 0.61 -3.87 17.21
CA MET A 5 -0.65 -3.09 17.11
C MET A 5 -1.12 -3.08 15.66
N ARG A 6 -2.40 -2.74 15.49
CA ARG A 6 -2.93 -2.34 14.20
C ARG A 6 -3.37 -0.90 14.34
N LEU A 7 -2.82 -0.04 13.49
CA LEU A 7 -3.12 1.38 13.51
C LEU A 7 -3.87 1.75 12.25
N GLY A 8 -4.84 2.63 12.40
CA GLY A 8 -5.56 3.11 11.24
C GLY A 8 -6.32 4.38 11.52
N ARG A 9 -7.20 4.72 10.60
CA ARG A 9 -7.99 5.95 10.68
C ARG A 9 -9.44 5.59 10.43
N ILE A 10 -10.33 6.22 11.18
CA ILE A 10 -11.76 5.98 11.02
C ILE A 10 -12.54 7.26 10.95
N ALA A 11 -13.70 7.16 10.30
CA ALA A 11 -14.74 8.16 10.38
C ALA A 11 -15.79 7.59 11.33
N SER A 12 -15.99 8.27 12.46
CA SER A 12 -17.01 7.89 13.44
C SER A 12 -18.18 8.89 13.39
N PRO A 13 -19.26 8.63 14.16
CA PRO A 13 -20.29 9.67 14.29
C PRO A 13 -19.75 10.94 14.96
N ASP A 14 -18.67 10.81 15.73
CA ASP A 14 -18.10 11.93 16.47
C ASP A 14 -16.89 12.55 15.76
N GLY A 15 -16.65 12.16 14.51
CA GLY A 15 -15.57 12.73 13.69
C GLY A 15 -14.50 11.72 13.28
N VAL A 16 -13.43 12.23 12.67
CA VAL A 16 -12.33 11.41 12.16
C VAL A 16 -11.23 11.25 13.22
N ALA A 17 -10.65 10.06 13.32
CA ALA A 17 -9.69 9.75 14.38
C ALA A 17 -8.63 8.74 13.95
N PHE A 18 -7.43 8.87 14.51
CA PHE A 18 -6.38 7.87 14.39
C PHE A 18 -6.60 6.90 15.55
N VAL A 19 -6.58 5.60 15.26
CA VAL A 19 -6.98 4.58 16.22
C VAL A 19 -6.07 3.36 16.26
N SER A 20 -6.10 2.68 17.40
CA SER A 20 -5.59 1.33 17.53
C SER A 20 -6.78 0.38 17.37
N ILE A 21 -6.66 -0.61 16.47
CA ILE A 21 -7.74 -1.56 16.21
C ILE A 21 -7.44 -2.86 16.91
N GLU A 22 -8.32 -3.26 17.82
CA GLU A 22 -8.06 -4.38 18.72
C GLU A 22 -9.15 -5.44 18.61
N GLY A 23 -8.75 -6.69 18.51
CA GLY A 23 -9.67 -7.81 18.36
C GLY A 23 -8.99 -9.05 17.79
N ALA A 31 -14.61 -6.51 17.66
CA ALA A 31 -13.41 -5.67 17.62
C ALA A 31 -13.74 -4.21 17.97
N ILE A 32 -12.75 -3.49 18.50
CA ILE A 32 -12.92 -2.08 18.85
C ILE A 32 -11.86 -1.20 18.18
N ALA A 33 -12.20 0.08 18.03
CA ALA A 33 -11.25 1.11 17.60
C ALA A 33 -11.04 2.08 18.75
N ARG A 34 -9.79 2.19 19.22
CA ARG A 34 -9.45 3.00 20.40
C ARG A 34 -8.72 4.26 19.94
N GLU A 35 -9.30 5.43 20.23
CA GLU A 35 -8.76 6.69 19.74
C GLU A 35 -7.40 7.03 20.39
N ILE A 36 -6.45 7.37 19.54
CA ILE A 36 -5.12 7.76 19.97
C ILE A 36 -5.04 9.27 20.20
N ALA A 37 -4.47 9.65 21.34
CA ALA A 37 -4.27 11.05 21.70
C ALA A 37 -2.97 11.60 21.13
N GLU A 38 -1.85 10.99 21.50
CA GLU A 38 -0.53 11.50 21.12
C GLU A 38 0.44 10.37 20.76
N HIS A 39 1.54 10.77 20.12
CA HIS A 39 2.66 9.88 19.80
C HIS A 39 2.26 8.73 18.87
N PRO A 40 1.59 9.05 17.76
CA PRO A 40 1.17 8.01 16.83
C PRO A 40 2.32 7.18 16.25
N PHE A 41 3.50 7.78 16.10
CA PHE A 41 4.67 7.08 15.57
C PHE A 41 5.60 6.55 16.66
N GLY A 42 5.28 6.85 17.92
CA GLY A 42 6.06 6.34 19.06
C GLY A 42 5.29 5.28 19.83
N THR A 43 5.18 5.47 21.14
CA THR A 43 4.33 4.62 21.98
C THR A 43 3.02 5.39 22.18
N PRO A 44 1.97 5.00 21.46
CA PRO A 44 0.77 5.84 21.48
C PRO A 44 0.09 5.89 22.84
N THR A 45 -0.48 7.04 23.16
CA THR A 45 -1.36 7.19 24.31
C THR A 45 -2.76 7.37 23.78
N PHE A 46 -3.75 7.23 24.66
CA PHE A 46 -5.15 7.18 24.26
C PHE A 46 -5.98 8.27 24.94
N THR A 47 -6.99 8.76 24.22
CA THR A 47 -7.89 9.80 24.76
C THR A 47 -8.93 9.22 25.72
N GLY A 48 -9.24 7.93 25.57
CA GLY A 48 -10.30 7.29 26.34
C GLY A 48 -11.53 6.97 25.51
N ARG A 49 -11.70 7.64 24.37
CA ARG A 49 -12.80 7.37 23.45
C ARG A 49 -12.54 6.06 22.71
N GLN A 50 -13.60 5.28 22.52
CA GLN A 50 -13.55 4.10 21.68
C GLN A 50 -14.91 3.81 21.07
N TRP A 51 -14.88 3.06 19.97
CA TRP A 51 -16.10 2.64 19.26
C TRP A 51 -15.98 1.18 18.85
N PRO A 52 -17.13 0.47 18.80
CA PRO A 52 -17.09 -0.85 18.15
C PRO A 52 -16.68 -0.68 16.67
N LEU A 53 -15.82 -1.57 16.18
CA LEU A 53 -15.30 -1.47 14.82
C LEU A 53 -16.43 -1.51 13.78
N ALA A 54 -17.46 -2.31 14.05
CA ALA A 54 -18.63 -2.40 13.18
C ALA A 54 -19.36 -1.07 13.03
N ASP A 55 -19.27 -0.21 14.04
CA ASP A 55 -19.99 1.08 14.06
C ASP A 55 -19.27 2.21 13.32
N VAL A 56 -18.04 1.98 12.87
CA VAL A 56 -17.25 3.03 12.23
C VAL A 56 -16.77 2.60 10.85
N ARG A 57 -16.23 3.57 10.12
CA ARG A 57 -15.79 3.34 8.75
CA ARG A 57 -15.78 3.33 8.74
C ARG A 57 -14.28 3.54 8.65
N LEU A 58 -13.58 2.49 8.22
CA LEU A 58 -12.14 2.56 7.99
C LEU A 58 -11.82 3.45 6.81
N LEU A 59 -10.84 4.32 7.00
CA LEU A 59 -10.31 5.21 5.96
C LEU A 59 -8.91 4.75 5.58
N ALA A 60 -8.25 5.44 4.67
CA ALA A 60 -6.82 5.17 4.45
C ALA A 60 -6.12 5.34 5.79
N PRO A 61 -5.17 4.44 6.12
CA PRO A 61 -4.69 4.39 7.51
C PRO A 61 -3.68 5.44 7.95
N ILE A 62 -3.22 6.27 7.03
CA ILE A 62 -2.18 7.25 7.33
C ILE A 62 -2.31 8.43 6.38
N LEU A 63 -1.87 9.61 6.84
CA LEU A 63 -1.73 10.78 6.00
C LEU A 63 -0.29 10.84 5.50
N ALA A 64 -0.10 10.43 4.24
CA ALA A 64 1.23 10.36 3.63
C ALA A 64 1.56 11.62 2.88
N SER A 65 2.79 12.11 3.03
CA SER A 65 3.21 13.27 2.24
C SER A 65 3.48 12.88 0.78
N LYS A 66 3.96 11.66 0.57
CA LYS A 66 4.18 11.12 -0.77
C LYS A 66 4.09 9.61 -0.72
N VAL A 67 3.84 9.02 -1.88
CA VAL A 67 3.87 7.58 -2.09
C VAL A 67 4.96 7.32 -3.11
N VAL A 68 5.95 6.53 -2.72
CA VAL A 68 7.01 6.10 -3.63
C VAL A 68 6.70 4.64 -3.94
N ALA A 69 6.96 4.22 -5.17
CA ALA A 69 6.65 2.86 -5.58
C ALA A 69 7.76 2.25 -6.40
N MET A 70 7.95 0.95 -6.22
CA MET A 70 8.88 0.15 -7.01
C MET A 70 8.21 -0.38 -8.27
N GLY A 71 8.95 -0.45 -9.37
CA GLY A 71 8.49 -1.24 -10.51
C GLY A 71 8.66 -2.72 -10.20
N LYS A 72 7.76 -3.56 -10.70
N LYS A 72 7.75 -3.57 -10.69
CA LYS A 72 7.96 -5.01 -10.71
CA LYS A 72 7.91 -5.04 -10.65
C LYS A 72 8.49 -5.57 -9.36
C LYS A 72 8.48 -5.58 -9.32
N ASN A 73 9.75 -6.03 -9.31
CA ASN A 73 10.45 -6.40 -8.05
C ASN A 73 10.16 -7.79 -7.45
N TYR A 74 9.55 -8.68 -8.22
CA TYR A 74 9.35 -10.06 -7.78
C TYR A 74 10.03 -11.06 -8.70
N ALA A 75 10.71 -12.03 -8.09
CA ALA A 75 11.18 -13.20 -8.81
C ALA A 75 9.98 -14.09 -9.15
N ALA A 76 10.08 -14.81 -10.26
CA ALA A 76 9.04 -15.76 -10.67
C ALA A 76 8.91 -16.99 -9.76
N HIS A 77 10.03 -17.43 -9.19
CA HIS A 77 10.10 -18.67 -8.43
C HIS A 77 11.28 -18.60 -7.46
N ALA A 78 11.19 -19.35 -6.36
CA ALA A 78 12.23 -19.36 -5.34
C ALA A 78 13.62 -19.73 -5.88
N ALA A 79 13.65 -20.52 -6.96
CA ALA A 79 14.91 -20.91 -7.62
C ALA A 79 15.55 -19.79 -8.43
N GLU A 80 14.79 -18.74 -8.74
CA GLU A 80 15.31 -17.56 -9.45
C GLU A 80 16.06 -16.61 -8.51
N MET A 81 15.91 -16.81 -7.19
CA MET A 81 16.49 -15.92 -6.18
C MET A 81 18.00 -16.09 -6.01
N GLY A 82 18.55 -17.23 -6.41
CA GLY A 82 19.96 -17.51 -6.23
C GLY A 82 20.89 -16.80 -7.22
N GLY A 83 20.35 -16.46 -8.39
CA GLY A 83 21.19 -16.15 -9.56
C GLY A 83 21.96 -14.85 -9.53
N ASP A 84 22.30 -14.37 -10.73
CA ASP A 84 22.95 -13.08 -10.88
C ASP A 84 22.09 -12.01 -10.21
N PRO A 85 22.73 -10.95 -9.69
CA PRO A 85 21.97 -9.95 -8.95
C PRO A 85 20.93 -9.26 -9.84
N PRO A 86 19.87 -8.73 -9.23
CA PRO A 86 18.80 -8.12 -10.02
C PRO A 86 19.21 -6.77 -10.61
N GLU A 87 18.43 -6.29 -11.57
CA GLU A 87 18.61 -4.94 -12.09
C GLU A 87 18.37 -3.97 -10.93
N SER A 88 18.91 -2.76 -11.05
CA SER A 88 18.75 -1.77 -9.99
C SER A 88 17.27 -1.35 -9.89
N PRO A 89 16.85 -0.90 -8.71
CA PRO A 89 15.45 -0.48 -8.55
C PRO A 89 15.02 0.64 -9.51
N VAL A 90 13.77 0.58 -9.95
CA VAL A 90 13.15 1.65 -10.72
C VAL A 90 12.03 2.20 -9.87
N ILE A 91 12.13 3.46 -9.45
CA ILE A 91 11.10 4.03 -8.56
C ILE A 91 10.31 5.11 -9.27
N PHE A 92 9.11 5.36 -8.74
CA PHE A 92 8.29 6.47 -9.21
C PHE A 92 7.43 6.95 -8.06
N ILE A 93 6.78 8.08 -8.26
CA ILE A 93 5.97 8.68 -7.21
C ILE A 93 4.50 8.75 -7.63
N LYS A 94 3.64 8.41 -6.70
CA LYS A 94 2.21 8.64 -6.82
C LYS A 94 1.87 9.79 -5.87
N PRO A 95 1.05 10.75 -6.34
CA PRO A 95 0.71 11.85 -5.44
C PRO A 95 -0.21 11.39 -4.32
N ASN A 96 -0.18 12.07 -3.16
CA ASN A 96 -1.04 11.65 -2.05
C ASN A 96 -2.53 11.85 -2.33
N THR A 97 -2.83 12.63 -3.36
CA THR A 97 -4.19 12.81 -3.82
C THR A 97 -4.75 11.56 -4.51
N SER A 98 -3.91 10.57 -4.79
CA SER A 98 -4.39 9.32 -5.40
C SER A 98 -4.90 8.33 -4.35
N ILE A 99 -4.60 8.58 -3.07
CA ILE A 99 -4.92 7.64 -2.02
C ILE A 99 -6.42 7.60 -1.75
N ILE A 100 -6.95 6.39 -1.63
CA ILE A 100 -8.29 6.13 -1.08
C ILE A 100 -8.20 4.96 -0.11
N GLY A 101 -9.14 4.90 0.84
CA GLY A 101 -9.21 3.81 1.79
C GLY A 101 -10.06 2.64 1.32
N PRO A 102 -10.22 1.62 2.17
CA PRO A 102 -11.06 0.47 1.88
C PRO A 102 -12.48 0.85 1.50
N GLY A 103 -13.03 0.17 0.50
CA GLY A 103 -14.44 0.30 0.18
C GLY A 103 -14.85 1.43 -0.73
N LEU A 104 -13.99 2.45 -0.88
CA LEU A 104 -14.29 3.56 -1.78
C LEU A 104 -13.99 3.12 -3.22
N PRO A 105 -14.76 3.64 -4.19
CA PRO A 105 -14.53 3.17 -5.55
C PRO A 105 -13.25 3.72 -6.20
N ILE A 106 -12.56 2.84 -6.90
CA ILE A 106 -11.58 3.24 -7.89
C ILE A 106 -12.36 3.79 -9.08
N GLN A 107 -12.14 5.06 -9.39
CA GLN A 107 -12.86 5.75 -10.45
CA GLN A 107 -12.86 5.74 -10.46
C GLN A 107 -12.05 5.73 -11.74
N LEU A 108 -12.53 5.00 -12.73
CA LEU A 108 -11.80 4.90 -13.99
C LEU A 108 -11.98 6.20 -14.79
N PRO A 109 -10.88 6.86 -15.13
CA PRO A 109 -10.93 8.14 -15.84
C PRO A 109 -11.50 8.02 -17.24
N PRO A 110 -12.27 9.02 -17.70
CA PRO A 110 -12.77 8.94 -19.06
C PRO A 110 -11.66 8.91 -20.13
N SER A 111 -10.48 9.42 -19.79
CA SER A 111 -9.36 9.41 -20.71
C SER A 111 -8.56 8.10 -20.72
N ALA A 112 -8.89 7.18 -19.82
CA ALA A 112 -8.16 5.91 -19.70
C ALA A 112 -8.97 4.76 -20.27
N THR A 113 -8.35 4.00 -21.17
CA THR A 113 -8.99 2.86 -21.81
C THR A 113 -8.57 1.49 -21.27
N GLU A 114 -7.44 1.41 -20.58
CA GLU A 114 -6.92 0.13 -20.09
C GLU A 114 -6.29 0.32 -18.71
N VAL A 115 -7.02 -0.05 -17.66
CA VAL A 115 -6.58 0.18 -16.29
C VAL A 115 -6.33 -1.16 -15.61
N HIS A 116 -5.17 -1.32 -14.97
CA HIS A 116 -4.78 -2.59 -14.35
C HIS A 116 -4.61 -2.47 -12.84
N HIS A 117 -4.87 -3.59 -12.15
CA HIS A 117 -4.56 -3.74 -10.73
C HIS A 117 -3.13 -4.19 -10.52
N GLU A 118 -2.54 -3.76 -9.40
CA GLU A 118 -1.19 -4.18 -9.00
C GLU A 118 -1.15 -4.27 -7.48
N GLY A 119 -1.39 -5.46 -6.94
CA GLY A 119 -1.41 -5.62 -5.49
C GLY A 119 -0.01 -5.58 -4.92
N GLU A 120 0.17 -4.85 -3.81
CA GLU A 120 1.51 -4.62 -3.24
C GLU A 120 1.51 -4.56 -1.72
N LEU A 121 2.61 -5.03 -1.14
CA LEU A 121 2.94 -4.73 0.25
C LEU A 121 3.41 -3.28 0.35
N ALA A 122 2.84 -2.54 1.32
CA ALA A 122 3.18 -1.14 1.52
C ALA A 122 3.95 -0.94 2.82
N ILE A 123 5.11 -0.30 2.72
CA ILE A 123 5.90 0.14 3.88
C ILE A 123 5.39 1.51 4.30
N VAL A 124 5.17 1.71 5.60
CA VAL A 124 4.85 3.02 6.13
C VAL A 124 6.01 3.49 7.02
N ILE A 125 6.60 4.63 6.65
CA ILE A 125 7.75 5.22 7.37
C ILE A 125 7.27 5.86 8.67
N GLY A 126 8.07 5.69 9.73
CA GLY A 126 7.71 6.19 11.06
C GLY A 126 8.61 7.28 11.64
N ARG A 127 9.73 7.58 10.98
CA ARG A 127 10.68 8.58 11.43
CA ARG A 127 10.69 8.57 11.44
C ARG A 127 11.19 9.38 10.24
N PRO A 128 11.51 10.66 10.44
CA PRO A 128 12.19 11.37 9.37
C PRO A 128 13.58 10.77 9.16
N CYS A 129 13.94 10.50 7.91
CA CYS A 129 15.17 9.78 7.65
C CYS A 129 15.72 10.00 6.25
N LYS A 130 17.01 9.77 6.12
CA LYS A 130 17.77 9.99 4.89
C LYS A 130 19.03 9.12 4.96
N ASP A 131 19.46 8.54 3.84
CA ASP A 131 20.68 7.73 3.79
C ASP A 131 20.66 6.60 4.82
N VAL A 132 19.53 5.89 4.89
CA VAL A 132 19.37 4.79 5.83
C VAL A 132 20.00 3.53 5.24
N PRO A 133 20.96 2.90 5.97
CA PRO A 133 21.43 1.59 5.51
C PRO A 133 20.34 0.53 5.69
N ALA A 134 20.35 -0.50 4.84
CA ALA A 134 19.30 -1.53 4.88
C ALA A 134 19.12 -2.10 6.28
N ALA A 135 20.22 -2.32 7.01
CA ALA A 135 20.14 -2.84 8.37
C ALA A 135 19.38 -1.96 9.38
N ARG A 136 19.26 -0.66 9.11
CA ARG A 136 18.55 0.26 9.99
C ARG A 136 17.15 0.58 9.46
N ALA A 137 16.72 -0.10 8.41
CA ALA A 137 15.40 0.21 7.85
C ALA A 137 14.28 -0.02 8.88
N ALA A 138 14.32 -1.13 9.61
CA ALA A 138 13.23 -1.48 10.55
C ALA A 138 12.97 -0.41 11.62
N GLU A 139 14.04 0.21 12.11
CA GLU A 139 13.91 1.23 13.16
C GLU A 139 13.24 2.51 12.64
N ASN A 140 13.16 2.67 11.32
CA ASN A 140 12.53 3.83 10.68
C ASN A 140 11.15 3.52 10.09
N ILE A 141 10.70 2.28 10.24
CA ILE A 141 9.42 1.82 9.70
C ILE A 141 8.37 1.71 10.81
N LEU A 142 7.26 2.42 10.63
CA LEU A 142 6.11 2.27 11.53
C LEU A 142 5.51 0.87 11.46
N GLY A 143 5.24 0.43 10.23
CA GLY A 143 4.65 -0.88 10.00
C GLY A 143 4.27 -1.05 8.55
N TYR A 144 3.40 -2.02 8.30
CA TYR A 144 3.08 -2.46 6.93
C TYR A 144 1.59 -2.44 6.71
N THR A 145 1.20 -2.07 5.50
CA THR A 145 -0.20 -2.15 5.09
C THR A 145 -0.26 -2.70 3.66
N ILE A 146 -1.43 -2.60 3.03
CA ILE A 146 -1.64 -3.11 1.68
C ILE A 146 -1.88 -1.93 0.76
N GLY A 147 -1.38 -2.03 -0.46
CA GLY A 147 -1.65 -1.03 -1.50
C GLY A 147 -2.06 -1.68 -2.81
N ASN A 148 -2.64 -0.87 -3.69
CA ASN A 148 -2.97 -1.29 -5.06
C ASN A 148 -2.46 -0.18 -5.98
N ASP A 149 -1.39 -0.46 -6.73
CA ASP A 149 -0.79 0.53 -7.63
C ASP A 149 -1.56 0.52 -8.94
N VAL A 150 -2.75 1.12 -8.90
CA VAL A 150 -3.63 1.14 -10.06
C VAL A 150 -2.98 1.97 -11.17
N SER A 151 -3.02 1.45 -12.40
CA SER A 151 -2.23 2.01 -13.49
C SER A 151 -3.01 2.01 -14.81
N ALA A 152 -3.07 3.16 -15.47
CA ALA A 152 -3.62 3.27 -16.82
C ALA A 152 -2.54 2.94 -17.85
N ARG A 153 -2.55 1.69 -18.32
CA ARG A 153 -1.51 1.19 -19.21
C ARG A 153 -1.44 2.00 -20.52
N ASP A 154 -2.58 2.46 -21.00
CA ASP A 154 -2.60 3.28 -22.22
C ASP A 154 -1.86 4.60 -22.02
N HIS A 155 -1.92 5.13 -20.82
CA HIS A 155 -1.19 6.37 -20.52
C HIS A 155 0.31 6.14 -20.42
N GLN A 156 0.72 4.99 -19.90
CA GLN A 156 2.14 4.62 -19.86
C GLN A 156 2.70 4.57 -21.28
N ARG A 157 1.94 3.96 -22.19
CA ARG A 157 2.38 3.86 -23.59
C ARG A 157 2.47 5.23 -24.26
N ALA A 158 1.51 6.11 -23.98
CA ALA A 158 1.47 7.43 -24.61
C ALA A 158 2.58 8.36 -24.09
N ASP A 159 2.87 8.28 -22.80
CA ASP A 159 3.72 9.26 -22.10
C ASP A 159 5.18 8.82 -21.92
N GLY A 160 5.41 7.51 -21.85
CA GLY A 160 6.72 6.95 -21.48
C GLY A 160 6.89 6.96 -19.96
N GLN A 161 6.84 8.16 -19.39
CA GLN A 161 6.79 8.32 -17.96
C GLN A 161 5.48 7.74 -17.42
N TRP A 162 5.53 7.17 -16.23
CA TRP A 162 4.35 6.52 -15.65
C TRP A 162 3.56 7.40 -14.71
N THR A 163 3.98 8.65 -14.51
CA THR A 163 3.35 9.52 -13.51
C THR A 163 1.87 9.72 -13.75
N ARG A 164 1.48 10.11 -14.97
CA ARG A 164 0.04 10.28 -15.22
C ARG A 164 -0.71 8.97 -15.04
N ALA A 165 -0.19 7.91 -15.66
CA ALA A 165 -0.82 6.59 -15.59
C ALA A 165 -1.14 6.13 -14.20
N LYS A 166 -0.25 6.45 -13.26
CA LYS A 166 -0.36 5.98 -11.88
C LYS A 166 -0.88 7.03 -10.92
N GLY A 167 -1.16 8.24 -11.44
CA GLY A 167 -1.39 9.40 -10.60
C GLY A 167 -2.80 9.95 -10.55
N HIS A 168 -3.72 9.31 -11.23
CA HIS A 168 -5.13 9.71 -11.22
C HIS A 168 -5.70 9.60 -9.80
N ASP A 169 -6.58 10.52 -9.43
CA ASP A 169 -7.28 10.40 -8.16
C ASP A 169 -7.89 8.98 -8.07
N THR A 170 -7.81 8.41 -6.87
CA THR A 170 -8.28 7.05 -6.54
C THR A 170 -7.38 5.90 -6.96
N PHE A 171 -6.26 6.18 -7.62
CA PHE A 171 -5.38 5.10 -8.09
C PHE A 171 -4.39 4.55 -7.04
N CYS A 172 -4.55 4.94 -5.77
CA CYS A 172 -3.77 4.31 -4.68
C CYS A 172 -4.62 3.87 -3.50
N PRO A 173 -5.46 2.82 -3.69
CA PRO A 173 -6.04 2.19 -2.51
C PRO A 173 -4.97 1.81 -1.50
N LEU A 174 -5.27 2.09 -0.24
CA LEU A 174 -4.35 1.84 0.87
CA LEU A 174 -4.35 1.83 0.89
C LEU A 174 -5.16 1.42 2.10
N GLY A 175 -4.73 0.36 2.77
CA GLY A 175 -5.43 -0.13 3.95
C GLY A 175 -5.35 -1.64 4.09
N PRO A 176 -6.13 -2.22 5.02
CA PRO A 176 -7.15 -1.58 5.87
C PRO A 176 -6.60 -0.92 7.15
N TRP A 177 -5.37 -1.27 7.49
CA TRP A 177 -4.70 -0.78 8.70
C TRP A 177 -3.23 -1.11 8.59
N ILE A 178 -2.44 -0.56 9.50
CA ILE A 178 -1.00 -0.72 9.53
C ILE A 178 -0.62 -1.65 10.67
N VAL A 179 0.06 -2.75 10.37
CA VAL A 179 0.49 -3.72 11.39
C VAL A 179 1.91 -3.41 11.80
N THR A 180 2.13 -3.16 13.08
CA THR A 180 3.43 -2.67 13.54
C THR A 180 4.41 -3.73 14.01
N ASP A 181 3.94 -4.97 14.23
CA ASP A 181 4.82 -6.02 14.76
C ASP A 181 5.08 -7.16 13.77
N LEU A 182 5.02 -6.84 12.48
CA LEU A 182 4.99 -7.82 11.41
C LEU A 182 6.36 -7.98 10.73
N ASP A 183 6.79 -9.22 10.53
CA ASP A 183 7.99 -9.50 9.74
C ASP A 183 7.57 -9.65 8.27
N PRO A 184 8.06 -8.78 7.38
CA PRO A 184 7.66 -8.82 5.96
C PRO A 184 8.43 -9.84 5.11
N ALA A 185 9.27 -10.66 5.73
CA ALA A 185 10.21 -11.51 4.99
C ALA A 185 9.54 -12.60 4.13
N ASP A 186 8.40 -13.14 4.56
CA ASP A 186 7.76 -14.26 3.85
C ASP A 186 6.25 -14.34 4.05
N LEU A 187 5.55 -13.37 3.47
CA LEU A 187 4.09 -13.28 3.57
C LEU A 187 3.43 -13.56 2.24
N GLU A 188 2.33 -14.31 2.23
CA GLU A 188 1.54 -14.46 1.00
C GLU A 188 0.86 -13.15 0.64
N ILE A 189 0.87 -12.84 -0.66
CA ILE A 189 0.14 -11.71 -1.21
C ILE A 189 -0.72 -12.23 -2.36
N ARG A 190 -1.99 -11.85 -2.39
CA ARG A 190 -2.84 -12.30 -3.49
C ARG A 190 -3.85 -11.23 -3.89
N THR A 191 -4.18 -11.19 -5.18
CA THR A 191 -5.14 -10.24 -5.71
C THR A 191 -6.28 -10.99 -6.35
N GLU A 192 -7.51 -10.61 -6.02
CA GLU A 192 -8.72 -11.21 -6.60
C GLU A 192 -9.56 -10.15 -7.30
N VAL A 193 -10.14 -10.53 -8.43
CA VAL A 193 -11.12 -9.70 -9.12
C VAL A 193 -12.40 -10.52 -9.20
N ASN A 194 -13.46 -10.03 -8.58
CA ASN A 194 -14.75 -10.74 -8.53
C ASN A 194 -14.59 -12.18 -8.02
N GLY A 195 -13.70 -12.35 -7.03
CA GLY A 195 -13.44 -13.64 -6.41
C GLY A 195 -12.52 -14.58 -7.16
N GLN A 196 -11.99 -14.14 -8.30
CA GLN A 196 -11.11 -14.96 -9.13
C GLN A 196 -9.67 -14.52 -8.83
N VAL A 197 -8.78 -15.46 -8.53
CA VAL A 197 -7.40 -15.12 -8.16
C VAL A 197 -6.57 -14.77 -9.40
N ARG A 198 -6.10 -13.53 -9.44
CA ARG A 198 -5.32 -13.00 -10.56
CA ARG A 198 -5.31 -13.02 -10.56
C ARG A 198 -3.82 -13.01 -10.25
N GLN A 199 -3.47 -12.66 -9.01
CA GLN A 199 -2.08 -12.66 -8.58
C GLN A 199 -1.96 -13.46 -7.29
N ARG A 200 -0.88 -14.21 -7.14
CA ARG A 200 -0.53 -14.85 -5.87
C ARG A 200 0.97 -15.11 -5.82
N SER A 201 1.62 -14.57 -4.80
CA SER A 201 3.04 -14.80 -4.62
C SER A 201 3.37 -14.68 -3.14
N ARG A 202 4.65 -14.62 -2.82
CA ARG A 202 5.09 -14.42 -1.44
C ARG A 202 6.17 -13.36 -1.42
N THR A 203 6.22 -12.58 -0.35
CA THR A 203 7.17 -11.48 -0.27
C THR A 203 8.62 -11.97 -0.11
N SER A 204 8.81 -13.27 0.12
CA SER A 204 10.14 -13.88 0.06
C SER A 204 10.73 -13.89 -1.36
N LEU A 205 9.89 -13.60 -2.36
CA LEU A 205 10.36 -13.45 -3.73
C LEU A 205 10.65 -11.99 -4.13
N LEU A 206 10.64 -11.04 -3.18
CA LEU A 206 11.07 -9.67 -3.50
C LEU A 206 12.54 -9.67 -3.92
N LEU A 207 12.83 -9.07 -5.07
CA LEU A 207 14.21 -9.02 -5.58
C LEU A 207 15.07 -8.11 -4.72
N HIS A 208 14.54 -6.92 -4.46
CA HIS A 208 15.06 -6.00 -3.46
C HIS A 208 14.10 -6.06 -2.28
N ASP A 209 14.61 -6.51 -1.13
CA ASP A 209 13.77 -6.68 0.04
C ASP A 209 13.48 -5.32 0.69
N VAL A 210 12.68 -5.32 1.76
CA VAL A 210 12.25 -4.07 2.37
C VAL A 210 13.45 -3.18 2.73
N GLY A 211 14.45 -3.78 3.34
CA GLY A 211 15.66 -3.04 3.70
C GLY A 211 16.36 -2.39 2.52
N ALA A 212 16.50 -3.16 1.45
CA ALA A 212 17.13 -2.69 0.22
C ALA A 212 16.33 -1.55 -0.42
N ILE A 213 15.01 -1.66 -0.36
CA ILE A 213 14.12 -0.64 -0.90
C ILE A 213 14.26 0.67 -0.12
N VAL A 214 14.22 0.58 1.20
CA VAL A 214 14.38 1.78 2.04
C VAL A 214 15.77 2.40 1.83
N GLU A 215 16.80 1.56 1.72
CA GLU A 215 18.14 2.06 1.42
C GLU A 215 18.20 2.85 0.10
N TRP A 216 17.61 2.28 -0.95
CA TRP A 216 17.62 2.94 -2.25
C TRP A 216 16.84 4.25 -2.22
N VAL A 217 15.61 4.20 -1.74
CA VAL A 217 14.72 5.37 -1.79
C VAL A 217 15.29 6.48 -0.89
N SER A 218 15.73 6.13 0.32
CA SER A 218 16.22 7.16 1.25
C SER A 218 17.59 7.71 0.86
N ALA A 219 18.33 7.05 -0.03
CA ALA A 219 19.55 7.63 -0.56
C ALA A 219 19.23 8.76 -1.53
N VAL A 220 18.08 8.66 -2.19
CA VAL A 220 17.59 9.68 -3.13
C VAL A 220 16.95 10.85 -2.41
N MET A 221 15.94 10.55 -1.57
CA MET A 221 15.08 11.59 -1.02
C MET A 221 14.84 11.37 0.47
N THR A 222 14.72 12.47 1.19
CA THR A 222 14.29 12.44 2.57
C THR A 222 12.89 11.83 2.66
N LEU A 223 12.70 10.94 3.63
CA LEU A 223 11.41 10.33 3.91
C LEU A 223 10.88 10.91 5.22
N LEU A 224 9.58 11.14 5.26
CA LEU A 224 8.92 11.75 6.42
C LEU A 224 7.99 10.73 7.08
N PRO A 225 7.72 10.86 8.38
CA PRO A 225 6.75 9.97 9.01
C PRO A 225 5.43 10.01 8.29
N GLY A 226 4.91 8.83 7.98
CA GLY A 226 3.69 8.69 7.22
C GLY A 226 3.88 8.42 5.74
N ASP A 227 5.08 8.67 5.21
CA ASP A 227 5.34 8.34 3.81
C ASP A 227 5.14 6.84 3.56
N VAL A 228 4.70 6.51 2.37
CA VAL A 228 4.41 5.14 1.98
C VAL A 228 5.35 4.74 0.85
N ILE A 229 5.93 3.54 0.95
CA ILE A 229 6.69 2.95 -0.16
C ILE A 229 6.03 1.63 -0.57
N LEU A 230 5.51 1.58 -1.80
CA LEU A 230 4.94 0.35 -2.34
C LEU A 230 6.08 -0.50 -2.89
N THR A 231 6.10 -1.78 -2.54
CA THR A 231 7.29 -2.60 -2.75
C THR A 231 7.33 -3.41 -4.06
N GLY A 232 6.33 -3.21 -4.92
CA GLY A 232 6.27 -3.89 -6.22
C GLY A 232 5.12 -4.89 -6.28
N THR A 233 4.98 -5.55 -7.43
CA THR A 233 3.83 -6.45 -7.64
C THR A 233 4.29 -7.67 -8.41
N PRO A 234 3.73 -8.85 -8.10
CA PRO A 234 4.09 -10.06 -8.84
C PRO A 234 3.38 -10.12 -10.19
N GLU A 235 3.57 -11.21 -10.89
CA GLU A 235 2.89 -11.41 -12.18
C GLU A 235 1.39 -11.61 -11.97
N GLY A 236 0.65 -11.65 -13.08
CA GLY A 236 -0.80 -11.77 -13.02
C GLY A 236 -1.52 -10.43 -13.04
N VAL A 237 -0.76 -9.34 -13.25
CA VAL A 237 -1.33 -8.00 -13.42
C VAL A 237 -2.27 -8.02 -14.61
N GLY A 238 -3.46 -7.48 -14.44
CA GLY A 238 -4.46 -7.49 -15.49
C GLY A 238 -5.52 -6.43 -15.27
N PRO A 239 -6.52 -6.38 -16.16
CA PRO A 239 -7.47 -5.28 -16.17
C PRO A 239 -8.54 -5.31 -15.07
N ILE A 240 -8.99 -4.11 -14.70
CA ILE A 240 -10.19 -3.91 -13.90
C ILE A 240 -11.11 -3.03 -14.74
N VAL A 241 -12.42 -3.33 -14.67
CA VAL A 241 -13.42 -2.63 -15.46
C VAL A 241 -14.61 -2.26 -14.59
N ASP A 242 -15.45 -1.37 -15.12
CA ASP A 242 -16.65 -0.93 -14.44
C ASP A 242 -17.45 -2.12 -13.92
N GLY A 243 -17.80 -2.07 -12.64
CA GLY A 243 -18.58 -3.11 -12.00
C GLY A 243 -17.76 -4.15 -11.26
N ASP A 244 -16.45 -4.18 -11.46
CA ASP A 244 -15.59 -5.15 -10.77
C ASP A 244 -15.42 -4.79 -9.30
N THR A 245 -15.06 -5.79 -8.49
CA THR A 245 -14.48 -5.55 -7.16
C THR A 245 -13.11 -6.19 -7.16
N VAL A 246 -12.10 -5.42 -6.73
CA VAL A 246 -10.74 -5.92 -6.69
C VAL A 246 -10.25 -5.88 -5.25
N SER A 247 -9.69 -7.00 -4.79
CA SER A 247 -9.18 -7.08 -3.44
C SER A 247 -7.76 -7.60 -3.43
N VAL A 248 -6.99 -7.12 -2.46
CA VAL A 248 -5.62 -7.56 -2.26
C VAL A 248 -5.52 -8.02 -0.82
N THR A 249 -5.04 -9.23 -0.63
CA THR A 249 -4.94 -9.84 0.69
C THR A 249 -3.47 -10.14 0.99
N ILE A 250 -3.01 -9.72 2.17
CA ILE A 250 -1.64 -10.03 2.59
C ILE A 250 -1.68 -10.74 3.94
N GLU A 251 -1.03 -11.89 3.98
CA GLU A 251 -0.87 -12.68 5.19
C GLU A 251 -0.38 -11.81 6.35
N GLY A 252 -1.08 -11.89 7.48
CA GLY A 252 -0.72 -11.14 8.68
C GLY A 252 -1.22 -9.71 8.73
N ILE A 253 -1.87 -9.27 7.66
CA ILE A 253 -2.45 -7.92 7.62
C ILE A 253 -3.97 -7.99 7.48
N GLY A 254 -4.47 -8.52 6.37
CA GLY A 254 -5.90 -8.53 6.11
C GLY A 254 -6.18 -8.37 4.62
N THR A 255 -7.32 -7.77 4.31
CA THR A 255 -7.77 -7.60 2.92
C THR A 255 -8.16 -6.15 2.67
N LEU A 256 -7.65 -5.63 1.56
CA LEU A 256 -8.01 -4.31 1.03
C LEU A 256 -8.88 -4.52 -0.19
N SER A 257 -10.15 -4.10 -0.11
CA SER A 257 -11.10 -4.33 -1.20
C SER A 257 -11.72 -3.01 -1.65
N ASN A 258 -11.85 -2.86 -2.97
CA ASN A 258 -12.46 -1.67 -3.57
C ASN A 258 -13.34 -2.02 -4.76
N PRO A 259 -14.55 -1.44 -4.84
CA PRO A 259 -15.29 -1.50 -6.10
C PRO A 259 -14.64 -0.64 -7.18
N VAL A 260 -15.00 -0.91 -8.43
CA VAL A 260 -14.47 -0.19 -9.58
C VAL A 260 -15.66 0.39 -10.36
N VAL A 261 -15.60 1.70 -10.62
CA VAL A 261 -16.69 2.43 -11.27
CA VAL A 261 -16.68 2.41 -11.29
C VAL A 261 -16.15 3.28 -12.42
N ARG A 262 -16.89 3.30 -13.52
CA ARG A 262 -16.64 4.20 -14.63
C ARG A 262 -17.99 4.86 -14.91
N LYS A 263 -18.22 6.15 -14.63
CA LYS A 263 -17.42 7.07 -13.84
C LYS A 263 -18.02 8.47 -14.11
C1 EDO B . 12.21 -5.59 7.69
O1 EDO B . 12.71 -6.30 8.81
C2 EDO B . 12.96 -4.28 7.56
O2 EDO B . 14.20 -4.48 6.86
C1 EDO C . -9.63 -6.22 6.52
O1 EDO C . -9.15 -7.56 6.51
C2 EDO C . -11.14 -6.16 6.59
O2 EDO C . -11.55 -4.79 6.74
C1 EDO D . -9.51 14.40 -3.70
O1 EDO D . -10.40 13.33 -3.40
C2 EDO D . -8.09 13.85 -3.80
O2 EDO D . -7.57 13.57 -2.49
C1 EDO E . -5.79 13.24 -18.37
O1 EDO E . -5.52 11.85 -18.61
C2 EDO E . -5.69 14.00 -19.67
O2 EDO E . -6.77 13.60 -20.55
C1 PEG F . -18.37 -6.51 -8.36
O1 PEG F . -18.07 -7.77 -7.75
C2 PEG F . -19.01 -5.47 -7.43
O2 PEG F . -18.33 -4.19 -7.51
C3 PEG F . -19.12 -3.05 -7.81
C4 PEG F . -18.25 -2.09 -8.61
O4 PEG F . -18.91 -0.89 -9.01
C1 EDO G . 9.04 1.76 14.57
O1 EDO G . 9.97 0.74 14.16
C2 EDO G . 9.66 3.15 14.62
O2 EDO G . 9.60 3.85 13.37
C1 EDO H . 21.64 -3.57 -7.85
O1 EDO H . 21.15 -4.92 -7.73
C2 EDO H . 20.74 -2.57 -7.13
O2 EDO H . 21.38 -1.81 -6.09
C1 EDO I . 18.36 9.06 9.24
O1 EDO I . 18.60 10.30 8.56
C2 EDO I . 18.98 7.87 8.53
O2 EDO I . 20.42 7.92 8.39
C1 EDO J . -7.55 -19.34 -1.50
O1 EDO J . -7.94 -18.38 -2.49
C2 EDO J . -7.11 -18.61 -0.24
O2 EDO J . -5.72 -18.88 0.00
UNK UNX K . 4.63 -0.65 -13.52
C1 EDO L . -4.27 11.74 16.52
O1 EDO L . -5.05 12.18 15.40
C2 EDO L . -2.79 11.65 16.14
O2 EDO L . -2.00 12.14 17.23
C1 EDO M . 17.85 -12.34 -6.16
O1 EDO M . 18.14 -12.30 -7.56
C2 EDO M . 17.40 -10.96 -5.71
O2 EDO M . 17.74 -10.70 -4.35
C1 PEG N . 17.56 -6.30 5.47
O1 PEG N . 16.97 -7.54 5.07
C2 PEG N . 18.71 -5.97 4.53
O2 PEG N . 18.20 -5.61 3.24
C3 PEG N . 19.01 -5.99 2.14
C4 PEG N . 20.43 -5.41 2.17
O4 PEG N . 20.66 -4.61 1.01
C1 EDO O . 6.79 -9.11 -11.04
O1 EDO O . 7.57 -8.12 -10.38
C2 EDO O . 7.31 -9.33 -12.46
O2 EDO O . 6.98 -8.21 -13.29
C1 EDO P . -1.77 9.53 10.82
O1 EDO P . -1.14 10.17 9.71
C2 EDO P . -0.92 9.68 12.08
O2 EDO P . -1.35 10.80 12.84
C1 EDO Q . 0.87 -17.75 -8.50
O1 EDO Q . 2.30 -17.72 -8.24
C2 EDO Q . 0.43 -17.80 -9.96
O2 EDO Q . -0.46 -16.73 -10.29
#